data_2ZME
#
_entry.id   2ZME
#
_cell.length_a   81.480
_cell.length_b   81.480
_cell.length_c   226.244
_cell.angle_alpha   90.00
_cell.angle_beta   90.00
_cell.angle_gamma   120.00
#
_symmetry.space_group_name_H-M   'P 32 1 2'
#
loop_
_entity.id
_entity.type
_entity.pdbx_description
1 polymer 'Vacuolar-sorting protein SNF8'
2 polymer 'Vacuolar protein-sorting-associated protein 36'
3 polymer 'Vacuolar protein-sorting-associated protein 25'
4 water water
#
loop_
_entity_poly.entity_id
_entity_poly.type
_entity_poly.pdbx_seq_one_letter_code
_entity_poly.pdbx_strand_id
1 'polypeptide(L)'
;MHRRGVGAGAIAKKKLAEAKYKERGTVLAEDQLAQMSKQLDMFKTNLEEFASKHKQEIRKNPEFRVQFQDMCATIGVDPL
ASGKGFWSEMLGVGDFYYELGVQIIEVCLALKHRNGGLITLEELHQQVLKGRGKFAQDVSQDDLIRAIKKLKALGTGFGI
IPVGGTYLIQSVPAELNMDHTVVLQLAEKNGYVTVSEIKASLKWETERARQVLEHLLKEGLAWLDLQAPGEAHYWLPALF
TDLYSQEITAEEAREALP
;
A
2 'polypeptide(L)'
;GRIRAVGIVGIERKLEEKRKETDKNISEAFEDLSKLMIKAKEMVELSKSIANKIKDKQGDITEDETIRFKSYLLSMGIAN
PVTRETYGSGTQYHMQLAKQLAGILQVPLEERGGIMSLTEVYCLVNRARGMELLSPEDLVNACKMLEALKLPLRLRVFDS
GVMVIELQSHKEEEMVASALETVSEKGSLTSEEFAKLVGMSVLLAKERLLLAEKMGHLCRDDSVEGLRFYPNLFMTQS
;
B
3 'polypeptide(L)'
;MAMSFEWPWQYRFPPFFTLQPNVDTRQKQLAAWCSLVLSFCRLHKQSSMTVMEAQESPLFNNVKLQRKLPVESIQIVLEE
LRKKGNLEWLDKSKSSFLIMWR
;
C,D
#
# COMPACT_ATOMS: atom_id res chain seq x y z
N ALA A 34 7.72 -39.42 -21.90
CA ALA A 34 8.84 -40.31 -21.41
C ALA A 34 10.07 -40.06 -22.27
N GLN A 35 9.86 -39.27 -23.32
CA GLN A 35 10.88 -38.97 -24.31
C GLN A 35 12.01 -38.17 -23.65
N MET A 36 11.70 -36.90 -23.37
CA MET A 36 12.65 -35.93 -22.82
C MET A 36 13.06 -36.26 -21.40
N SER A 37 12.26 -37.11 -20.75
CA SER A 37 12.58 -37.63 -19.44
C SER A 37 14.06 -37.94 -19.30
N LYS A 38 14.60 -38.69 -20.25
CA LYS A 38 16.01 -39.00 -20.28
C LYS A 38 16.83 -37.71 -20.45
N GLN A 39 16.66 -37.02 -21.58
CA GLN A 39 17.40 -35.78 -21.85
C GLN A 39 17.38 -34.76 -20.71
N LEU A 40 16.35 -34.83 -19.85
CA LEU A 40 16.24 -33.94 -18.71
C LEU A 40 17.31 -34.16 -17.63
N ASP A 41 17.49 -35.39 -17.17
CA ASP A 41 18.56 -35.66 -16.18
C ASP A 41 19.95 -35.56 -16.82
N MET A 42 19.98 -35.49 -18.15
CA MET A 42 21.22 -35.15 -18.86
C MET A 42 21.49 -33.70 -18.63
N PHE A 43 20.43 -32.91 -18.65
CA PHE A 43 20.54 -31.48 -18.48
C PHE A 43 20.93 -31.15 -17.06
N LYS A 44 20.38 -31.89 -16.09
CA LYS A 44 20.85 -31.77 -14.72
C LYS A 44 22.39 -31.77 -14.69
N THR A 45 22.99 -32.86 -15.18
CA THR A 45 24.46 -33.02 -15.31
C THR A 45 25.11 -31.82 -15.97
N ASN A 46 24.56 -31.39 -17.10
CA ASN A 46 25.11 -30.24 -17.82
C ASN A 46 25.18 -29.04 -16.91
N LEU A 47 24.06 -28.81 -16.20
CA LEU A 47 23.93 -27.70 -15.27
C LEU A 47 24.80 -27.90 -14.04
N GLU A 48 24.77 -29.10 -13.47
CA GLU A 48 25.52 -29.40 -12.25
C GLU A 48 26.99 -29.12 -12.45
N GLU A 49 27.45 -29.37 -13.66
CA GLU A 49 28.84 -29.25 -14.03
C GLU A 49 29.18 -27.76 -14.16
N PHE A 50 28.38 -27.06 -14.95
CA PHE A 50 28.34 -25.59 -14.96
C PHE A 50 28.28 -24.99 -13.55
N ALA A 51 27.43 -25.57 -12.70
CA ALA A 51 27.18 -25.04 -11.37
C ALA A 51 28.45 -24.97 -10.53
N SER A 52 29.18 -26.08 -10.48
CA SER A 52 30.39 -26.17 -9.62
C SER A 52 31.56 -25.36 -10.19
N LYS A 53 31.50 -25.09 -11.47
CA LYS A 53 32.57 -24.39 -12.11
C LYS A 53 32.34 -22.89 -12.00
N HIS A 54 31.08 -22.46 -11.81
CA HIS A 54 30.75 -21.02 -11.81
C HIS A 54 29.72 -20.48 -10.78
N LYS A 55 29.43 -21.23 -9.73
CA LYS A 55 28.49 -20.79 -8.69
C LYS A 55 28.91 -19.42 -8.23
N GLN A 56 30.12 -19.29 -7.70
CA GLN A 56 30.56 -18.02 -7.09
C GLN A 56 30.51 -16.83 -8.04
N GLU A 57 30.47 -17.09 -9.34
CA GLU A 57 30.45 -16.01 -10.33
C GLU A 57 29.11 -15.29 -10.34
N ILE A 58 28.05 -16.05 -10.11
CA ILE A 58 26.72 -15.48 -9.92
C ILE A 58 26.59 -14.90 -8.49
N ARG A 59 27.69 -14.31 -8.00
CA ARG A 59 27.75 -13.61 -6.69
C ARG A 59 28.81 -12.52 -6.71
N LYS A 60 30.05 -12.92 -7.02
CA LYS A 60 31.13 -11.99 -7.32
C LYS A 60 30.70 -11.03 -8.44
N ASN A 61 30.04 -11.53 -9.49
CA ASN A 61 29.74 -10.73 -10.71
C ASN A 61 28.25 -10.39 -11.03
N PRO A 62 27.89 -9.09 -10.95
CA PRO A 62 26.53 -8.62 -11.26
C PRO A 62 26.12 -8.76 -12.73
N GLU A 63 26.90 -8.20 -13.65
CA GLU A 63 26.55 -8.28 -15.07
C GLU A 63 26.40 -9.73 -15.51
N PHE A 64 27.01 -10.62 -14.73
CA PHE A 64 26.92 -12.01 -14.98
C PHE A 64 25.51 -12.57 -14.71
N ARG A 65 24.93 -12.30 -13.53
CA ARG A 65 23.55 -12.73 -13.26
C ARG A 65 22.55 -12.14 -14.26
N VAL A 66 22.75 -10.86 -14.57
CA VAL A 66 21.93 -10.14 -15.53
C VAL A 66 22.06 -10.83 -16.86
N GLN A 67 23.30 -11.10 -17.25
CA GLN A 67 23.54 -11.79 -18.50
C GLN A 67 22.79 -13.11 -18.49
N PHE A 68 23.03 -13.91 -17.47
CA PHE A 68 22.35 -15.18 -17.29
C PHE A 68 20.86 -15.00 -17.50
N GLN A 69 20.24 -14.21 -16.63
CA GLN A 69 18.78 -14.04 -16.69
C GLN A 69 18.25 -13.51 -18.02
N ASP A 70 19.06 -12.71 -18.69
CA ASP A 70 18.65 -12.18 -19.97
C ASP A 70 18.54 -13.33 -20.97
N MET A 71 19.52 -14.22 -20.96
CA MET A 71 19.52 -15.37 -21.85
C MET A 71 18.30 -16.29 -21.65
N CYS A 72 18.01 -16.64 -20.39
CA CYS A 72 16.85 -17.49 -20.10
C CYS A 72 15.59 -16.92 -20.72
N ALA A 73 15.50 -15.60 -20.73
CA ALA A 73 14.29 -14.93 -21.20
C ALA A 73 14.07 -15.19 -22.68
N THR A 74 15.03 -14.82 -23.54
CA THR A 74 14.88 -15.01 -24.98
C THR A 74 14.39 -16.42 -25.30
N ILE A 75 14.81 -17.40 -24.49
CA ILE A 75 14.35 -18.77 -24.68
C ILE A 75 12.88 -18.92 -24.27
N GLY A 76 12.55 -18.54 -23.05
CA GLY A 76 11.24 -18.80 -22.52
C GLY A 76 11.32 -19.63 -21.26
N VAL A 77 12.41 -19.45 -20.51
CA VAL A 77 12.54 -20.08 -19.21
C VAL A 77 12.71 -19.05 -18.11
N ASP A 78 12.13 -19.36 -16.96
CA ASP A 78 12.06 -18.46 -15.83
C ASP A 78 12.83 -19.08 -14.70
N PRO A 79 14.04 -18.57 -14.45
CA PRO A 79 14.86 -19.18 -13.40
C PRO A 79 14.40 -18.77 -12.00
N LEU A 80 13.39 -17.91 -11.90
CA LEU A 80 12.96 -17.44 -10.61
C LEU A 80 11.53 -17.84 -10.35
N ALA A 81 10.88 -18.45 -11.32
CA ALA A 81 9.50 -18.92 -11.17
C ALA A 81 9.26 -19.98 -10.07
N SER A 82 10.27 -20.76 -9.71
CA SER A 82 10.11 -21.75 -8.64
C SER A 82 11.43 -22.17 -8.03
N GLY A 83 11.42 -22.33 -6.73
CA GLY A 83 12.65 -22.66 -6.03
C GLY A 83 12.91 -24.13 -6.29
N LYS A 84 11.88 -24.75 -6.86
CA LYS A 84 11.92 -26.13 -7.25
C LYS A 84 12.25 -26.28 -8.71
N GLY A 85 12.80 -25.24 -9.33
CA GLY A 85 13.37 -25.34 -10.67
C GLY A 85 14.87 -25.63 -10.63
N PHE A 86 15.40 -26.12 -11.75
CA PHE A 86 16.79 -26.57 -11.79
C PHE A 86 17.78 -25.45 -11.49
N TRP A 87 17.58 -24.31 -12.15
CA TRP A 87 18.51 -23.19 -12.08
C TRP A 87 18.56 -22.76 -10.68
N SER A 88 17.39 -22.83 -10.05
CA SER A 88 17.29 -22.50 -8.65
C SER A 88 18.15 -23.42 -7.77
N GLU A 89 17.75 -24.68 -7.64
CA GLU A 89 18.52 -25.62 -6.78
C GLU A 89 20.02 -25.62 -7.11
N MET A 90 20.34 -25.71 -8.40
CA MET A 90 21.71 -25.75 -8.87
C MET A 90 22.50 -24.47 -8.66
N LEU A 91 21.94 -23.33 -9.04
CA LEU A 91 22.71 -22.10 -9.06
C LEU A 91 22.50 -21.20 -7.86
N GLY A 92 21.57 -21.55 -6.98
CA GLY A 92 21.30 -20.76 -5.77
C GLY A 92 20.85 -19.35 -6.12
N VAL A 93 20.18 -19.26 -7.27
CA VAL A 93 19.77 -18.04 -7.80
C VAL A 93 18.41 -17.71 -7.17
N GLY A 94 17.58 -18.72 -7.00
CA GLY A 94 16.26 -18.49 -6.43
C GLY A 94 16.40 -18.05 -5.00
N ASP A 95 17.13 -18.79 -4.21
CA ASP A 95 17.28 -18.39 -2.83
C ASP A 95 17.99 -17.04 -2.74
N PHE A 96 18.62 -16.63 -3.83
CA PHE A 96 19.23 -15.34 -3.76
C PHE A 96 18.08 -14.38 -3.85
N TYR A 97 17.27 -14.55 -4.90
CA TYR A 97 16.25 -13.57 -5.17
C TYR A 97 15.14 -13.62 -4.15
N TYR A 98 14.83 -14.80 -3.63
CA TYR A 98 13.66 -14.88 -2.80
C TYR A 98 13.97 -14.28 -1.48
N GLU A 99 15.22 -14.40 -1.04
CA GLU A 99 15.67 -13.81 0.25
C GLU A 99 15.71 -12.29 0.08
N LEU A 100 16.23 -11.87 -1.06
CA LEU A 100 16.20 -10.48 -1.43
C LEU A 100 14.80 -9.88 -1.31
N GLY A 101 13.80 -10.58 -1.85
CA GLY A 101 12.40 -10.23 -1.71
C GLY A 101 11.94 -10.05 -0.27
N VAL A 102 12.25 -10.99 0.62
CA VAL A 102 11.86 -10.80 1.99
C VAL A 102 12.52 -9.53 2.53
N GLN A 103 13.72 -9.26 2.05
CA GLN A 103 14.46 -8.13 2.62
C GLN A 103 13.87 -6.81 2.15
N ILE A 104 13.50 -6.78 0.87
CA ILE A 104 12.74 -5.67 0.39
C ILE A 104 11.45 -5.49 1.22
N ILE A 105 10.78 -6.56 1.59
CA ILE A 105 9.55 -6.39 2.30
C ILE A 105 9.83 -5.78 3.66
N GLU A 106 10.78 -6.34 4.40
CA GLU A 106 11.10 -5.82 5.71
C GLU A 106 11.44 -4.33 5.68
N VAL A 107 12.43 -3.89 4.89
CA VAL A 107 12.78 -2.50 4.99
C VAL A 107 11.61 -1.57 4.65
N CYS A 108 10.80 -1.94 3.65
CA CYS A 108 9.61 -1.17 3.32
C CYS A 108 8.65 -1.10 4.50
N LEU A 109 8.48 -2.20 5.20
CA LEU A 109 7.71 -2.15 6.44
C LEU A 109 8.37 -1.25 7.49
N ALA A 110 9.64 -1.44 7.79
CA ALA A 110 10.28 -0.65 8.83
C ALA A 110 10.27 0.87 8.53
N LEU A 111 9.92 1.27 7.31
CA LEU A 111 9.89 2.68 6.94
C LEU A 111 8.51 3.20 6.49
N LYS A 112 7.52 2.32 6.41
CA LYS A 112 6.19 2.71 6.01
C LYS A 112 5.71 3.95 6.82
N HIS A 113 5.92 3.89 8.13
CA HIS A 113 5.56 4.97 9.01
C HIS A 113 6.15 6.32 8.57
N ARG A 114 7.37 6.31 8.04
CA ARG A 114 8.04 7.55 7.59
C ARG A 114 7.50 8.06 6.26
N ASN A 115 7.26 7.16 5.31
CA ASN A 115 7.00 7.60 3.96
C ASN A 115 5.77 6.99 3.36
N GLY A 116 4.82 6.58 4.19
CA GLY A 116 3.51 6.23 3.66
C GLY A 116 3.50 4.99 2.77
N GLY A 117 4.68 4.40 2.61
CA GLY A 117 4.79 3.15 1.89
C GLY A 117 5.38 3.32 0.53
N LEU A 118 5.96 4.48 0.29
CA LEU A 118 6.49 4.86 -1.03
C LEU A 118 7.97 5.10 -0.80
N ILE A 119 8.85 4.56 -1.64
CA ILE A 119 10.25 4.79 -1.32
C ILE A 119 11.07 4.81 -2.56
N THR A 120 12.10 5.66 -2.60
CA THR A 120 12.96 5.65 -3.81
C THR A 120 13.79 4.41 -3.87
N LEU A 121 13.89 3.85 -5.06
CA LEU A 121 14.76 2.70 -5.34
C LEU A 121 16.20 2.93 -4.83
N GLU A 122 16.63 4.18 -4.74
CA GLU A 122 17.88 4.53 -4.13
C GLU A 122 17.94 4.35 -2.62
N GLU A 123 17.02 4.98 -1.85
CA GLU A 123 16.99 4.79 -0.40
C GLU A 123 16.84 3.27 -0.27
N LEU A 124 15.87 2.69 -0.97
CA LEU A 124 15.67 1.27 -0.84
C LEU A 124 16.95 0.47 -1.09
N HIS A 125 17.75 0.88 -2.04
CA HIS A 125 19.03 0.20 -2.21
C HIS A 125 20.06 0.37 -1.07
N GLN A 126 20.22 1.58 -0.50
CA GLN A 126 21.17 1.76 0.60
C GLN A 126 20.80 0.89 1.81
N GLN A 127 19.50 0.80 2.12
CA GLN A 127 19.04 0.15 3.32
C GLN A 127 19.18 -1.32 3.14
N VAL A 128 18.95 -1.80 1.93
CA VAL A 128 19.09 -3.23 1.78
C VAL A 128 20.53 -3.62 2.05
N LEU A 129 21.48 -2.87 1.48
CA LEU A 129 22.91 -3.09 1.75
C LEU A 129 23.22 -3.00 3.23
N LYS A 130 22.75 -1.94 3.86
CA LYS A 130 22.98 -1.77 5.29
C LYS A 130 22.58 -3.05 6.02
N GLY A 131 21.41 -3.58 5.68
CA GLY A 131 20.88 -4.72 6.38
C GLY A 131 21.72 -5.95 6.14
N ARG A 132 22.41 -5.96 4.99
CA ARG A 132 23.10 -7.17 4.54
C ARG A 132 24.51 -7.26 5.02
N GLY A 133 24.94 -6.27 5.79
CA GLY A 133 26.26 -6.29 6.39
C GLY A 133 27.36 -5.78 5.51
N LYS A 134 28.32 -5.10 6.13
CA LYS A 134 29.41 -4.53 5.36
C LYS A 134 30.49 -5.58 5.04
N PHE A 135 30.20 -6.85 5.32
CA PHE A 135 31.04 -7.98 4.92
C PHE A 135 30.49 -8.65 3.65
N ALA A 136 30.44 -7.85 2.58
CA ALA A 136 30.08 -8.29 1.24
C ALA A 136 28.63 -8.78 1.11
N GLN A 137 28.40 -9.60 0.08
CA GLN A 137 27.10 -9.71 -0.61
C GLN A 137 26.73 -8.34 -1.19
N ASP A 138 26.98 -8.22 -2.49
CA ASP A 138 26.71 -7.03 -3.24
C ASP A 138 25.50 -7.21 -4.14
N VAL A 139 24.61 -6.23 -4.07
CA VAL A 139 23.34 -6.25 -4.77
C VAL A 139 23.24 -4.97 -5.56
N SER A 140 22.50 -5.00 -6.67
CA SER A 140 22.42 -3.83 -7.51
C SER A 140 20.98 -3.38 -7.61
N GLN A 141 20.74 -2.15 -8.01
CA GLN A 141 19.37 -1.73 -8.23
C GLN A 141 18.67 -2.74 -9.11
N ASP A 142 19.38 -3.26 -10.10
CA ASP A 142 18.82 -4.23 -11.02
C ASP A 142 18.16 -5.41 -10.27
N ASP A 143 18.91 -6.00 -9.35
CA ASP A 143 18.38 -7.11 -8.57
C ASP A 143 17.11 -6.70 -7.87
N LEU A 144 17.15 -5.52 -7.26
CA LEU A 144 16.02 -5.07 -6.47
C LEU A 144 14.74 -5.17 -7.32
N ILE A 145 14.77 -4.53 -8.49
CA ILE A 145 13.71 -4.66 -9.48
C ILE A 145 13.26 -6.13 -9.70
N ARG A 146 14.17 -6.96 -10.21
CA ARG A 146 13.87 -8.38 -10.43
C ARG A 146 13.05 -8.93 -9.24
N ALA A 147 13.61 -8.84 -8.06
CA ALA A 147 12.84 -9.26 -6.91
C ALA A 147 11.47 -8.58 -6.83
N ILE A 148 11.39 -7.24 -7.05
CA ILE A 148 10.11 -6.56 -6.81
C ILE A 148 9.14 -7.15 -7.82
N LYS A 149 9.55 -7.28 -9.10
CA LYS A 149 8.59 -7.75 -10.12
C LYS A 149 8.00 -9.13 -9.76
N LYS A 150 8.72 -9.93 -8.97
CA LYS A 150 8.19 -11.24 -8.57
C LYS A 150 7.25 -11.16 -7.36
N LEU A 151 7.58 -10.25 -6.43
CA LEU A 151 6.71 -9.96 -5.31
C LEU A 151 5.32 -9.55 -5.79
N LYS A 152 5.18 -9.09 -7.03
CA LYS A 152 3.84 -8.77 -7.52
C LYS A 152 2.99 -10.02 -7.67
N ALA A 153 3.63 -11.16 -7.91
CA ALA A 153 2.88 -12.41 -7.98
C ALA A 153 2.01 -12.53 -6.76
N LEU A 154 2.39 -11.87 -5.66
CA LEU A 154 1.64 -12.02 -4.41
C LEU A 154 0.34 -11.29 -4.48
N GLY A 155 0.13 -10.46 -5.50
CA GLY A 155 -1.16 -9.79 -5.58
C GLY A 155 -0.99 -8.30 -5.41
N THR A 156 -1.94 -7.64 -4.77
CA THR A 156 -1.84 -6.20 -4.66
C THR A 156 -0.94 -5.80 -3.49
N GLY A 157 -0.02 -4.89 -3.74
CA GLY A 157 0.91 -4.40 -2.75
C GLY A 157 2.04 -3.69 -3.44
N PHE A 158 2.98 -4.44 -3.98
CA PHE A 158 4.12 -3.84 -4.60
C PHE A 158 3.78 -3.32 -5.95
N GLY A 159 4.33 -2.13 -6.23
CA GLY A 159 4.34 -1.56 -7.59
C GLY A 159 5.64 -0.84 -7.89
N ILE A 160 6.01 -0.77 -9.16
CA ILE A 160 7.10 0.09 -9.58
C ILE A 160 6.56 1.30 -10.30
N ILE A 161 7.05 2.48 -9.93
CA ILE A 161 6.61 3.71 -10.57
C ILE A 161 7.78 4.49 -11.12
N PRO A 162 7.72 4.83 -12.41
CA PRO A 162 8.74 5.68 -13.05
C PRO A 162 8.63 7.15 -12.64
N VAL A 163 9.66 7.63 -11.95
CA VAL A 163 9.79 9.06 -11.67
C VAL A 163 11.13 9.51 -12.13
N GLY A 164 11.12 10.55 -12.94
CA GLY A 164 12.34 11.23 -13.38
C GLY A 164 13.22 10.22 -14.04
N GLY A 165 14.47 10.19 -13.61
CA GLY A 165 15.41 9.16 -14.08
C GLY A 165 15.06 7.77 -13.56
N THR A 166 14.66 7.68 -12.29
CA THR A 166 14.54 6.39 -11.62
C THR A 166 13.12 5.87 -11.34
N TYR A 167 12.98 5.10 -10.27
CA TYR A 167 11.68 4.60 -9.89
C TYR A 167 11.45 4.86 -8.43
N LEU A 168 10.17 4.86 -8.11
CA LEU A 168 9.67 4.82 -6.79
C LEU A 168 9.13 3.43 -6.63
N ILE A 169 9.40 2.79 -5.50
CA ILE A 169 8.84 1.48 -5.17
C ILE A 169 7.75 1.70 -4.19
N GLN A 170 6.59 1.16 -4.54
CA GLN A 170 5.39 1.27 -3.72
C GLN A 170 5.11 -0.04 -3.00
N SER A 171 4.90 0.01 -1.70
CA SER A 171 4.69 -1.23 -0.96
C SER A 171 3.34 -1.29 -0.21
N VAL A 172 2.67 -0.15 0.06
CA VAL A 172 1.27 -0.21 0.52
C VAL A 172 0.48 0.10 -0.70
N PRO A 173 -0.52 -0.72 -1.03
CA PRO A 173 -1.38 -0.38 -2.20
C PRO A 173 -2.07 0.95 -2.00
N ALA A 174 -1.88 1.85 -2.96
CA ALA A 174 -2.66 3.07 -3.07
C ALA A 174 -2.63 3.55 -4.49
N GLU A 175 -3.64 4.32 -4.85
CA GLU A 175 -3.73 4.93 -6.16
C GLU A 175 -2.57 5.78 -6.72
N LEU A 176 -2.66 6.02 -8.01
CA LEU A 176 -1.52 6.39 -8.73
C LEU A 176 -1.99 6.71 -10.12
N ASN A 177 -3.12 7.42 -10.23
CA ASN A 177 -3.42 8.20 -11.45
C ASN A 177 -2.21 8.69 -12.16
N MET A 178 -2.38 8.83 -13.48
CA MET A 178 -1.56 9.70 -14.32
C MET A 178 -1.40 11.03 -13.57
N ASP A 179 -2.51 11.60 -13.10
CA ASP A 179 -2.47 12.87 -12.34
C ASP A 179 -1.57 12.82 -11.10
N HIS A 180 -1.62 11.76 -10.29
CA HIS A 180 -0.78 11.69 -9.08
C HIS A 180 0.72 11.59 -9.44
N THR A 181 1.04 10.68 -10.34
CA THR A 181 2.38 10.45 -10.87
C THR A 181 3.06 11.73 -11.33
N VAL A 182 2.29 12.53 -12.04
CA VAL A 182 2.82 13.73 -12.64
C VAL A 182 3.31 14.61 -11.52
N VAL A 183 2.45 14.82 -10.54
CA VAL A 183 2.84 15.62 -9.43
C VAL A 183 3.97 14.97 -8.66
N LEU A 184 3.96 13.64 -8.51
CA LEU A 184 5.15 13.00 -7.98
C LEU A 184 6.41 13.52 -8.72
N GLN A 185 6.41 13.48 -10.05
CA GLN A 185 7.56 13.94 -10.79
C GLN A 185 8.00 15.34 -10.42
N LEU A 186 7.04 16.24 -10.18
CA LEU A 186 7.41 17.62 -9.95
C LEU A 186 8.18 17.73 -8.65
N ALA A 187 7.75 16.94 -7.67
CA ALA A 187 8.40 16.89 -6.34
C ALA A 187 9.78 16.23 -6.29
N GLU A 188 10.22 15.60 -7.39
CA GLU A 188 11.51 14.89 -7.41
C GLU A 188 12.70 15.73 -7.00
N LYS A 189 12.87 16.84 -7.68
CA LYS A 189 14.03 17.68 -7.48
C LYS A 189 14.08 18.23 -6.03
N ASN A 190 12.99 18.80 -5.52
CA ASN A 190 13.04 19.48 -4.22
C ASN A 190 12.49 18.72 -3.00
N GLY A 191 11.80 17.61 -3.24
CA GLY A 191 11.21 16.89 -2.16
C GLY A 191 9.84 17.44 -1.80
N TYR A 192 9.42 18.52 -2.44
CA TYR A 192 8.12 19.12 -2.11
C TYR A 192 7.50 19.69 -3.38
N VAL A 193 6.31 20.23 -3.26
CA VAL A 193 5.58 20.73 -4.43
C VAL A 193 4.49 21.69 -3.89
N THR A 194 3.97 22.52 -4.77
CA THR A 194 3.24 23.71 -4.37
C THR A 194 2.10 23.88 -5.35
N VAL A 195 0.97 24.38 -4.89
CA VAL A 195 -0.14 24.54 -5.82
C VAL A 195 0.28 25.38 -7.05
N SER A 196 0.96 26.51 -6.81
CA SER A 196 1.56 27.31 -7.89
C SER A 196 2.45 26.44 -8.80
N GLU A 197 3.49 25.81 -8.26
CA GLU A 197 4.34 24.95 -9.05
C GLU A 197 3.53 23.98 -9.91
N ILE A 198 2.53 23.34 -9.31
CA ILE A 198 1.68 22.46 -10.12
C ILE A 198 1.01 23.17 -11.29
N LYS A 199 0.28 24.26 -11.01
CA LYS A 199 -0.49 24.93 -12.04
C LYS A 199 0.44 25.43 -13.14
N ALA A 200 1.53 26.05 -12.74
CA ALA A 200 2.47 26.64 -13.69
C ALA A 200 2.97 25.62 -14.73
N SER A 201 3.33 24.40 -14.35
CA SER A 201 3.80 23.48 -15.39
C SER A 201 2.65 22.73 -15.99
N LEU A 202 1.78 22.16 -15.18
CA LEU A 202 0.68 21.40 -15.72
C LEU A 202 -0.42 22.19 -16.40
N LYS A 203 -0.53 23.48 -16.10
CA LYS A 203 -1.63 24.29 -16.64
C LYS A 203 -3.03 23.88 -16.11
N TRP A 204 -3.06 23.19 -14.97
CA TRP A 204 -4.31 22.82 -14.38
C TRP A 204 -5.06 23.97 -13.72
N GLU A 205 -6.27 23.67 -13.24
CA GLU A 205 -7.01 24.72 -12.58
C GLU A 205 -6.99 24.33 -11.17
N THR A 206 -7.20 25.29 -10.27
CA THR A 206 -6.83 25.09 -8.90
C THR A 206 -7.43 23.79 -8.34
N GLU A 207 -8.65 23.46 -8.79
CA GLU A 207 -9.38 22.28 -8.30
C GLU A 207 -8.65 20.98 -8.54
N ARG A 208 -8.21 20.75 -9.78
CA ARG A 208 -7.45 19.57 -10.12
C ARG A 208 -6.19 19.43 -9.29
N ALA A 209 -5.50 20.53 -9.01
CA ALA A 209 -4.33 20.47 -8.16
C ALA A 209 -4.73 20.07 -6.78
N ARG A 210 -5.86 20.58 -6.34
CA ARG A 210 -6.21 20.45 -4.93
C ARG A 210 -6.59 19.01 -4.62
N GLN A 211 -7.38 18.40 -5.48
CA GLN A 211 -7.73 17.06 -5.15
C GLN A 211 -6.48 16.22 -5.18
N VAL A 212 -5.63 16.40 -6.17
CA VAL A 212 -4.42 15.56 -6.22
C VAL A 212 -3.65 15.60 -4.91
N LEU A 213 -3.34 16.83 -4.46
CA LEU A 213 -2.67 17.04 -3.20
C LEU A 213 -3.45 16.49 -2.06
N GLU A 214 -4.76 16.77 -2.03
CA GLU A 214 -5.61 16.10 -1.03
C GLU A 214 -5.47 14.57 -1.01
N HIS A 215 -5.51 13.89 -2.17
CA HIS A 215 -5.25 12.44 -2.20
C HIS A 215 -3.92 12.07 -1.54
N LEU A 216 -2.84 12.73 -1.88
CA LEU A 216 -1.56 12.40 -1.30
C LEU A 216 -1.56 12.56 0.22
N LEU A 217 -2.21 13.60 0.75
CA LEU A 217 -2.21 13.81 2.20
C LEU A 217 -3.07 12.72 2.86
N LYS A 218 -4.19 12.43 2.22
CA LYS A 218 -5.08 11.42 2.71
C LYS A 218 -4.38 10.05 2.72
N GLU A 219 -3.44 9.79 1.81
CA GLU A 219 -2.80 8.47 1.82
C GLU A 219 -1.50 8.47 2.58
N GLY A 220 -1.21 9.49 3.34
CA GLY A 220 0.03 9.48 4.06
C GLY A 220 1.24 9.78 3.23
N LEU A 221 1.10 10.13 1.95
CA LEU A 221 2.27 10.27 1.07
C LEU A 221 2.89 11.66 1.11
N ALA A 222 2.18 12.64 1.67
CA ALA A 222 2.71 13.98 1.76
C ALA A 222 2.37 14.63 3.12
N TRP A 223 2.97 15.76 3.45
CA TRP A 223 2.73 16.39 4.73
C TRP A 223 2.66 17.86 4.41
N LEU A 224 1.65 18.53 4.96
CA LEU A 224 1.43 19.97 4.73
C LEU A 224 2.50 20.74 5.46
N ASP A 225 2.99 21.81 4.83
CA ASP A 225 3.89 22.73 5.47
C ASP A 225 3.45 24.21 5.31
N LEU A 226 3.06 24.87 6.42
CA LEU A 226 2.52 26.26 6.41
C LEU A 226 3.52 27.32 6.86
N GLN A 227 4.81 27.09 6.66
CA GLN A 227 5.84 28.03 7.11
C GLN A 227 6.87 28.20 6.01
N ALA A 228 6.56 27.80 4.79
CA ALA A 228 7.53 28.02 3.72
C ALA A 228 7.37 29.46 3.22
N PRO A 229 8.31 29.91 2.37
CA PRO A 229 8.17 31.28 1.82
C PRO A 229 6.79 31.55 1.21
N GLY A 230 6.50 31.28 -0.04
CA GLY A 230 5.31 31.98 -0.64
C GLY A 230 3.91 31.43 -0.41
N GLU A 231 3.84 30.12 -0.17
CA GLU A 231 2.61 29.43 0.15
C GLU A 231 2.87 28.04 0.77
N ALA A 232 1.75 27.34 1.05
CA ALA A 232 1.73 25.96 1.52
C ALA A 232 2.52 25.07 0.62
N HIS A 233 3.53 24.46 1.21
CA HIS A 233 4.35 23.47 0.54
C HIS A 233 3.93 22.13 0.98
N TYR A 234 4.08 21.17 0.10
CA TYR A 234 3.58 19.84 0.35
C TYR A 234 4.79 19.02 0.13
N TRP A 235 5.31 18.44 1.22
CA TRP A 235 6.51 17.66 1.16
C TRP A 235 6.18 16.19 1.14
N LEU A 236 6.85 15.40 0.31
CA LEU A 236 6.69 13.97 0.23
C LEU A 236 7.93 13.35 0.88
N PRO A 237 7.76 12.65 2.01
CA PRO A 237 8.99 12.18 2.66
C PRO A 237 9.78 11.16 1.81
N ALA A 238 9.14 10.53 0.81
CA ALA A 238 9.81 9.52 0.01
C ALA A 238 10.87 10.21 -0.80
N LEU A 239 10.55 11.39 -1.32
CA LEU A 239 11.59 12.31 -1.86
C LEU A 239 12.17 12.96 -0.62
N PHE A 240 12.96 14.00 -0.71
CA PHE A 240 13.44 14.57 0.59
C PHE A 240 14.44 13.71 1.38
N THR A 241 15.74 13.97 1.25
CA THR A 241 16.75 13.06 1.81
C THR A 241 17.04 13.21 3.31
N ASP A 242 16.17 12.59 4.10
CA ASP A 242 16.60 12.05 5.36
C ASP A 242 17.20 10.63 5.03
N LEU A 243 17.08 9.70 6.00
CA LEU A 243 17.60 8.32 5.92
C LEU A 243 18.24 7.96 7.28
N TYR A 244 18.54 8.99 8.04
CA TYR A 244 19.25 8.89 9.33
C TYR A 244 18.71 7.80 10.30
N SER A 245 19.40 6.65 10.38
CA SER A 245 19.11 5.53 11.31
C SER A 245 17.68 4.97 11.27
N GLN A 246 17.54 3.67 11.08
CA GLN A 246 16.21 3.09 10.87
C GLN A 246 15.77 2.13 11.94
N GLU A 247 15.72 2.59 13.18
CA GLU A 247 15.66 1.69 14.32
C GLU A 247 14.36 1.61 15.11
N ILE A 248 14.10 0.42 15.68
CA ILE A 248 13.03 0.17 16.71
C ILE A 248 11.62 -0.12 16.16
N THR A 249 11.13 0.74 15.27
CA THR A 249 10.01 0.40 14.38
C THR A 249 10.31 -0.77 13.42
N ALA A 250 10.48 -1.98 13.94
CA ALA A 250 10.68 -3.18 13.11
C ALA A 250 9.94 -4.40 13.69
N LYS B 24 40.78 -16.48 -17.61
CA LYS B 24 40.32 -17.90 -17.79
C LYS B 24 38.99 -18.14 -17.08
N ASN B 25 38.62 -17.21 -16.21
CA ASN B 25 37.32 -17.20 -15.56
C ASN B 25 36.49 -16.05 -16.13
N ILE B 26 36.97 -14.81 -15.92
CA ILE B 26 36.35 -13.62 -16.53
C ILE B 26 35.76 -13.97 -17.90
N SER B 27 36.49 -14.82 -18.63
CA SER B 27 36.08 -15.27 -19.96
C SER B 27 35.21 -16.53 -19.91
N GLU B 28 35.87 -17.68 -19.72
CA GLU B 28 35.28 -19.02 -19.78
C GLU B 28 33.78 -19.06 -19.45
N ALA B 29 33.46 -18.50 -18.29
CA ALA B 29 32.10 -18.40 -17.76
C ALA B 29 31.07 -18.02 -18.81
N PHE B 30 31.42 -17.07 -19.67
CA PHE B 30 30.49 -16.68 -20.72
C PHE B 30 30.33 -17.79 -21.74
N GLU B 31 31.46 -18.30 -22.23
CA GLU B 31 31.43 -19.39 -23.19
C GLU B 31 30.55 -20.53 -22.68
N ASP B 32 30.91 -21.07 -21.53
CA ASP B 32 30.16 -22.18 -20.94
C ASP B 32 28.66 -21.89 -20.85
N LEU B 33 28.33 -20.62 -20.62
CA LEU B 33 26.95 -20.23 -20.41
C LEU B 33 26.15 -20.54 -21.66
N SER B 34 26.52 -19.91 -22.77
CA SER B 34 25.80 -20.10 -24.02
C SER B 34 25.67 -21.59 -24.39
N LYS B 35 26.75 -22.35 -24.17
CA LYS B 35 26.70 -23.80 -24.32
C LYS B 35 25.55 -24.33 -23.45
N LEU B 36 25.61 -24.04 -22.16
CA LEU B 36 24.59 -24.50 -21.24
C LEU B 36 23.20 -24.09 -21.75
N MET B 37 23.17 -23.01 -22.53
CA MET B 37 21.94 -22.37 -22.94
C MET B 37 21.34 -22.97 -24.20
N ILE B 38 22.16 -23.05 -25.26
CA ILE B 38 21.87 -23.91 -26.41
C ILE B 38 21.18 -25.20 -25.89
N LYS B 39 21.82 -25.88 -24.95
CA LYS B 39 21.30 -27.13 -24.45
C LYS B 39 19.84 -27.05 -24.01
N ALA B 40 19.52 -26.04 -23.23
CA ALA B 40 18.18 -25.88 -22.66
C ALA B 40 17.22 -25.35 -23.71
N LYS B 41 17.72 -24.42 -24.52
CA LYS B 41 17.03 -23.99 -25.74
C LYS B 41 16.44 -25.23 -26.41
N GLU B 42 17.21 -26.32 -26.46
CA GLU B 42 16.73 -27.56 -27.08
C GLU B 42 15.60 -28.12 -26.25
N MET B 43 15.78 -28.02 -24.94
CA MET B 43 14.80 -28.47 -23.99
C MET B 43 13.46 -27.79 -24.20
N VAL B 44 13.51 -26.53 -24.56
CA VAL B 44 12.28 -25.78 -24.67
C VAL B 44 11.53 -26.17 -25.94
N GLU B 45 12.27 -26.43 -27.02
CA GLU B 45 11.62 -26.68 -28.30
C GLU B 45 10.73 -27.90 -28.20
N LEU B 46 11.30 -28.99 -27.70
CA LEU B 46 10.59 -30.24 -27.72
C LEU B 46 9.83 -30.43 -26.42
N SER B 47 9.08 -29.39 -26.07
CA SER B 47 8.22 -29.39 -24.89
C SER B 47 6.89 -28.70 -25.20
N LYS B 48 6.91 -27.78 -26.16
CA LYS B 48 5.66 -27.29 -26.72
C LYS B 48 5.20 -28.35 -27.71
N SER B 49 6.18 -29.04 -28.26
CA SER B 49 5.93 -30.14 -29.15
C SER B 49 5.06 -31.14 -28.40
N ILE B 50 5.49 -31.50 -27.20
CA ILE B 50 4.73 -32.42 -26.34
C ILE B 50 3.36 -31.84 -26.01
N ALA B 51 3.25 -30.53 -26.16
CA ALA B 51 1.97 -29.86 -25.97
C ALA B 51 1.12 -30.01 -27.22
N ASN B 52 1.74 -29.97 -28.40
CA ASN B 52 1.02 -30.34 -29.62
C ASN B 52 0.49 -31.78 -29.56
N LYS B 53 1.31 -32.70 -29.05
CA LYS B 53 0.87 -34.08 -28.81
C LYS B 53 -0.09 -34.16 -27.62
N ILE B 54 -1.06 -33.25 -27.60
CA ILE B 54 -2.28 -33.39 -26.79
C ILE B 54 -3.51 -32.80 -27.51
N LYS B 55 -4.00 -33.57 -28.49
CA LYS B 55 -5.19 -33.23 -29.28
C LYS B 55 -6.47 -33.58 -28.53
N ASP B 56 -6.33 -34.41 -27.50
CA ASP B 56 -7.44 -34.99 -26.76
C ASP B 56 -8.49 -33.99 -26.30
N LYS B 57 -9.74 -34.44 -26.23
CA LYS B 57 -10.91 -33.57 -26.29
C LYS B 57 -11.57 -33.17 -24.96
N GLN B 58 -11.61 -34.09 -23.98
CA GLN B 58 -12.45 -33.90 -22.76
C GLN B 58 -11.69 -33.41 -21.49
N GLY B 59 -12.33 -33.51 -20.32
CA GLY B 59 -11.72 -33.13 -19.02
C GLY B 59 -12.56 -33.17 -17.75
N ASP B 60 -12.28 -34.15 -16.86
CA ASP B 60 -12.94 -34.31 -15.53
C ASP B 60 -11.97 -34.83 -14.44
N ILE B 61 -12.02 -36.14 -14.14
CA ILE B 61 -11.22 -36.77 -13.06
C ILE B 61 -9.72 -36.84 -13.40
N THR B 62 -8.88 -36.33 -12.50
CA THR B 62 -7.42 -36.12 -12.73
C THR B 62 -6.68 -37.30 -13.40
N GLU B 63 -5.81 -36.96 -14.35
CA GLU B 63 -5.02 -37.94 -15.11
C GLU B 63 -3.57 -37.98 -14.61
N ASP B 64 -2.73 -38.78 -15.27
CA ASP B 64 -1.39 -39.06 -14.75
C ASP B 64 -0.23 -38.99 -15.76
N GLU B 65 -0.53 -39.11 -17.04
CA GLU B 65 0.49 -38.92 -18.08
C GLU B 65 1.00 -37.50 -17.93
N THR B 66 0.04 -36.60 -17.77
CA THR B 66 0.28 -35.19 -17.62
C THR B 66 1.14 -34.87 -16.40
N ILE B 67 0.89 -35.57 -15.30
CA ILE B 67 1.58 -35.30 -14.04
C ILE B 67 3.08 -35.13 -14.31
N ARG B 68 3.64 -36.07 -15.05
CA ARG B 68 5.05 -36.08 -15.41
C ARG B 68 5.43 -34.86 -16.26
N PHE B 69 4.61 -34.54 -17.25
CA PHE B 69 4.88 -33.39 -18.10
C PHE B 69 5.12 -32.12 -17.29
N LYS B 70 4.20 -31.81 -16.38
CA LYS B 70 4.34 -30.61 -15.56
C LYS B 70 5.70 -30.66 -14.90
N SER B 71 6.01 -31.73 -14.15
CA SER B 71 7.25 -31.71 -13.38
C SER B 71 8.44 -31.52 -14.30
N TYR B 72 8.26 -31.87 -15.57
CA TYR B 72 9.21 -31.50 -16.60
C TYR B 72 9.36 -29.98 -16.65
N LEU B 73 8.25 -29.28 -16.90
CA LEU B 73 8.24 -27.83 -17.06
C LEU B 73 8.66 -27.03 -15.83
N LEU B 74 8.25 -27.50 -14.64
CA LEU B 74 8.69 -26.94 -13.38
C LEU B 74 10.21 -27.08 -13.31
N SER B 75 10.73 -28.27 -13.50
CA SER B 75 12.18 -28.39 -13.44
C SER B 75 12.86 -27.47 -14.43
N MET B 76 12.12 -27.11 -15.48
CA MET B 76 12.66 -26.41 -16.63
C MET B 76 12.35 -24.94 -16.75
N GLY B 77 11.69 -24.33 -15.77
CA GLY B 77 11.35 -22.91 -15.87
C GLY B 77 10.55 -22.50 -17.07
N ILE B 78 9.80 -23.43 -17.63
CA ILE B 78 8.85 -23.16 -18.69
C ILE B 78 7.52 -23.56 -18.12
N ALA B 79 7.53 -24.08 -16.90
CA ALA B 79 6.31 -24.25 -16.08
C ALA B 79 5.21 -23.31 -16.58
N ASN B 80 4.55 -23.71 -17.67
CA ASN B 80 3.47 -22.90 -18.23
C ASN B 80 2.62 -23.65 -19.24
N PRO B 81 1.82 -24.65 -18.77
CA PRO B 81 0.63 -24.97 -19.55
C PRO B 81 -0.39 -23.81 -19.42
N VAL B 82 0.11 -22.57 -19.48
CA VAL B 82 -0.67 -21.32 -19.57
C VAL B 82 -1.69 -21.40 -20.72
N THR B 83 -1.62 -22.50 -21.47
CA THR B 83 -2.52 -22.84 -22.56
C THR B 83 -2.77 -24.36 -22.63
N ARG B 84 -2.12 -25.11 -21.73
CA ARG B 84 -2.50 -26.50 -21.51
C ARG B 84 -2.97 -26.65 -20.07
N GLU B 85 -3.73 -25.65 -19.61
CA GLU B 85 -4.39 -25.73 -18.31
C GLU B 85 -5.49 -26.79 -18.36
N THR B 86 -6.50 -26.62 -19.23
CA THR B 86 -7.48 -27.70 -19.45
C THR B 86 -6.78 -28.89 -20.13
N TYR B 87 -5.54 -29.12 -19.69
CA TYR B 87 -4.70 -30.26 -20.05
C TYR B 87 -3.71 -30.48 -18.87
N GLY B 88 -4.23 -30.55 -17.65
CA GLY B 88 -3.41 -30.53 -16.44
C GLY B 88 -3.66 -29.29 -15.57
N SER B 89 -3.72 -29.50 -14.25
CA SER B 89 -4.03 -28.43 -13.27
C SER B 89 -2.81 -27.50 -12.96
N GLY B 90 -2.40 -27.47 -11.69
CA GLY B 90 -1.10 -26.96 -11.27
C GLY B 90 -0.15 -28.14 -11.09
N THR B 91 0.35 -28.37 -9.88
CA THR B 91 1.50 -29.26 -9.75
C THR B 91 1.51 -30.20 -8.54
N GLN B 92 2.30 -31.26 -8.65
CA GLN B 92 2.38 -32.31 -7.65
C GLN B 92 3.10 -31.78 -6.43
N TYR B 93 4.30 -31.25 -6.69
CA TYR B 93 5.05 -30.42 -5.76
C TYR B 93 4.21 -29.33 -5.10
N HIS B 94 3.34 -28.67 -5.86
CA HIS B 94 2.56 -27.58 -5.27
C HIS B 94 1.43 -28.07 -4.40
N MET B 95 0.82 -29.18 -4.82
CA MET B 95 -0.17 -29.88 -4.01
C MET B 95 0.47 -30.30 -2.69
N GLN B 96 1.62 -30.96 -2.76
CA GLN B 96 2.29 -31.33 -1.52
C GLN B 96 2.54 -30.08 -0.66
N LEU B 97 3.32 -29.14 -1.20
CA LEU B 97 3.64 -27.85 -0.56
C LEU B 97 2.46 -27.18 0.16
N ALA B 98 1.32 -27.17 -0.53
CA ALA B 98 0.07 -26.72 0.06
C ALA B 98 -0.24 -27.43 1.37
N LYS B 99 -0.21 -28.77 1.35
CA LYS B 99 -0.41 -29.58 2.55
C LYS B 99 0.58 -29.14 3.62
N GLN B 100 1.87 -29.19 3.25
CA GLN B 100 2.92 -28.85 4.19
C GLN B 100 2.70 -27.43 4.68
N LEU B 101 2.07 -26.60 3.87
CA LEU B 101 1.73 -25.24 4.32
C LEU B 101 0.61 -25.25 5.35
N ALA B 102 -0.43 -26.02 5.09
CA ALA B 102 -1.58 -26.02 5.98
C ALA B 102 -1.16 -26.34 7.41
N GLY B 103 -0.06 -27.06 7.55
CA GLY B 103 0.44 -27.44 8.87
C GLY B 103 1.09 -26.27 9.57
N ILE B 104 2.05 -25.65 8.89
CA ILE B 104 2.81 -24.51 9.41
C ILE B 104 1.95 -23.27 9.68
N LEU B 105 0.85 -23.10 8.96
CA LEU B 105 0.14 -21.81 9.04
C LEU B 105 -1.00 -21.75 10.04
N GLN B 106 -1.43 -22.95 10.47
CA GLN B 106 -2.54 -23.11 11.43
C GLN B 106 -2.35 -22.23 12.65
N VAL B 107 -1.21 -22.42 13.31
CA VAL B 107 -0.92 -21.72 14.54
C VAL B 107 -0.92 -20.22 14.27
N PRO B 108 -0.02 -19.74 13.38
CA PRO B 108 0.11 -18.29 13.21
C PRO B 108 -1.18 -17.61 12.74
N LEU B 109 -1.99 -18.30 11.94
CA LEU B 109 -3.32 -17.80 11.59
C LEU B 109 -4.17 -17.57 12.83
N GLU B 110 -4.15 -18.56 13.70
CA GLU B 110 -4.97 -18.50 14.88
C GLU B 110 -4.65 -17.28 15.74
N GLU B 111 -3.36 -17.04 16.00
CA GLU B 111 -2.93 -15.89 16.82
C GLU B 111 -3.08 -14.52 16.19
N ARG B 112 -3.90 -14.42 15.14
CA ARG B 112 -4.06 -13.14 14.45
C ARG B 112 -5.50 -12.98 13.98
N GLY B 113 -6.38 -13.86 14.47
CA GLY B 113 -7.79 -13.82 14.12
C GLY B 113 -8.16 -14.66 12.89
N GLY B 114 -7.39 -15.70 12.60
CA GLY B 114 -7.61 -16.53 11.41
C GLY B 114 -7.47 -15.91 10.01
N ILE B 115 -6.72 -14.82 9.89
CA ILE B 115 -6.46 -14.23 8.56
C ILE B 115 -5.05 -13.64 8.43
N MET B 116 -4.32 -14.01 7.39
CA MET B 116 -3.05 -13.35 7.13
C MET B 116 -3.00 -12.81 5.72
N SER B 117 -2.17 -11.82 5.48
CA SER B 117 -1.89 -11.41 4.12
C SER B 117 -0.95 -12.40 3.41
N LEU B 118 -1.13 -12.54 2.10
CA LEU B 118 -0.23 -13.37 1.33
C LEU B 118 1.25 -13.01 1.54
N THR B 119 1.53 -11.74 1.64
CA THR B 119 2.88 -11.28 1.76
C THR B 119 3.35 -11.40 3.24
N GLU B 120 2.44 -11.33 4.22
CA GLU B 120 2.84 -11.64 5.59
C GLU B 120 3.24 -13.14 5.61
N VAL B 121 2.46 -13.95 4.90
CA VAL B 121 2.73 -15.40 4.87
C VAL B 121 4.10 -15.59 4.25
N TYR B 122 4.28 -14.96 3.09
CA TYR B 122 5.48 -15.15 2.31
C TYR B 122 6.65 -14.79 3.12
N CYS B 123 6.40 -13.88 4.02
CA CYS B 123 7.42 -13.43 4.90
C CYS B 123 7.66 -14.40 6.05
N LEU B 124 6.61 -15.04 6.52
CA LEU B 124 6.81 -15.87 7.67
C LEU B 124 7.40 -17.19 7.23
N VAL B 125 6.66 -17.86 6.37
CA VAL B 125 7.11 -19.10 5.80
C VAL B 125 8.55 -19.00 5.34
N ASN B 126 8.91 -18.03 4.53
CA ASN B 126 10.30 -17.96 4.04
C ASN B 126 11.31 -17.54 5.09
N ARG B 127 10.82 -17.02 6.20
CA ARG B 127 11.73 -16.51 7.20
C ARG B 127 12.18 -17.65 8.12
N ALA B 128 11.29 -18.64 8.29
CA ALA B 128 11.56 -19.86 9.06
C ALA B 128 12.70 -20.74 8.44
N ARG B 129 12.60 -21.03 7.13
CA ARG B 129 13.68 -21.70 6.37
C ARG B 129 14.80 -20.70 6.04
N GLY B 130 16.05 -21.11 6.20
CA GLY B 130 17.16 -20.22 5.85
C GLY B 130 17.47 -20.25 4.37
N MET B 131 17.05 -21.35 3.74
CA MET B 131 17.38 -21.67 2.35
C MET B 131 16.31 -22.60 1.78
N GLU B 132 16.50 -23.06 0.55
CA GLU B 132 15.36 -23.49 -0.30
C GLU B 132 14.08 -22.75 0.07
N LEU B 133 14.11 -21.44 -0.11
CA LEU B 133 12.98 -20.59 0.14
C LEU B 133 11.98 -20.82 -0.95
N LEU B 134 10.72 -20.50 -0.66
CA LEU B 134 9.67 -20.44 -1.66
C LEU B 134 9.72 -19.17 -2.60
N SER B 135 9.59 -19.41 -3.91
CA SER B 135 9.25 -18.34 -4.84
C SER B 135 7.80 -17.90 -4.58
N PRO B 136 7.52 -16.58 -4.67
CA PRO B 136 6.20 -15.97 -4.72
C PRO B 136 5.17 -16.81 -5.45
N GLU B 137 5.43 -17.16 -6.71
CA GLU B 137 4.59 -18.15 -7.44
C GLU B 137 4.44 -19.51 -6.69
N ASP B 138 5.52 -20.10 -6.19
CA ASP B 138 5.34 -21.38 -5.47
C ASP B 138 4.17 -21.21 -4.50
N LEU B 139 4.33 -20.22 -3.62
CA LEU B 139 3.38 -19.87 -2.57
C LEU B 139 1.98 -19.68 -3.13
N VAL B 140 1.87 -18.87 -4.17
CA VAL B 140 0.55 -18.65 -4.73
C VAL B 140 0.02 -19.99 -5.25
N ASN B 141 0.79 -20.65 -6.11
CA ASN B 141 0.38 -21.93 -6.66
C ASN B 141 -0.08 -22.91 -5.58
N ALA B 142 0.77 -23.09 -4.57
CA ALA B 142 0.44 -23.93 -3.44
C ALA B 142 -0.93 -23.59 -2.89
N CYS B 143 -1.19 -22.28 -2.72
CA CYS B 143 -2.37 -21.83 -2.01
C CYS B 143 -3.62 -21.96 -2.86
N LYS B 144 -3.46 -21.70 -4.16
CA LYS B 144 -4.59 -21.68 -5.09
C LYS B 144 -5.33 -23.00 -5.09
N MET B 145 -4.69 -24.07 -4.63
CA MET B 145 -5.31 -25.40 -4.60
C MET B 145 -5.54 -25.92 -3.17
N LEU B 146 -5.22 -25.07 -2.21
CA LEU B 146 -5.50 -25.29 -0.80
C LEU B 146 -6.96 -25.69 -0.58
N GLU B 147 -7.84 -24.84 -1.11
CA GLU B 147 -9.26 -25.05 -1.08
C GLU B 147 -9.63 -26.40 -1.68
N ALA B 148 -9.32 -26.57 -2.97
CA ALA B 148 -9.63 -27.82 -3.65
C ALA B 148 -8.71 -28.94 -3.18
N LEU B 149 -8.39 -28.92 -1.88
CA LEU B 149 -7.87 -30.12 -1.22
C LEU B 149 -8.52 -30.31 0.15
N LYS B 150 -9.68 -29.68 0.35
CA LYS B 150 -10.40 -29.75 1.62
C LYS B 150 -9.42 -29.56 2.77
N LEU B 151 -8.69 -28.44 2.72
CA LEU B 151 -7.72 -28.12 3.76
C LEU B 151 -8.29 -27.07 4.70
N PRO B 152 -7.82 -27.06 5.97
CA PRO B 152 -8.41 -26.25 7.06
C PRO B 152 -8.21 -24.74 6.92
N LEU B 153 -7.76 -24.31 5.74
CA LEU B 153 -7.46 -22.91 5.46
C LEU B 153 -7.58 -22.67 3.96
N ARG B 154 -7.93 -21.42 3.61
CA ARG B 154 -8.31 -21.10 2.26
C ARG B 154 -7.61 -19.87 1.80
N LEU B 155 -7.27 -19.85 0.51
CA LEU B 155 -6.89 -18.61 -0.15
C LEU B 155 -8.14 -17.77 -0.41
N ARG B 156 -7.94 -16.51 -0.80
CA ARG B 156 -9.06 -15.58 -0.97
C ARG B 156 -8.51 -14.30 -1.52
N VAL B 157 -9.24 -13.70 -2.45
CA VAL B 157 -8.83 -12.47 -3.12
C VAL B 157 -9.89 -11.39 -2.94
N PHE B 158 -9.48 -10.14 -2.79
CA PHE B 158 -10.41 -9.06 -2.57
C PHE B 158 -10.60 -8.27 -3.82
N ASP B 159 -11.70 -7.52 -3.83
CA ASP B 159 -11.95 -6.49 -4.82
C ASP B 159 -10.65 -5.83 -5.22
N SER B 160 -9.91 -5.37 -4.21
CA SER B 160 -8.65 -4.66 -4.39
C SER B 160 -7.56 -5.45 -5.08
N GLY B 161 -7.69 -6.77 -5.07
CA GLY B 161 -6.70 -7.65 -5.68
C GLY B 161 -5.70 -8.11 -4.64
N VAL B 162 -6.00 -7.79 -3.38
CA VAL B 162 -5.14 -8.18 -2.30
C VAL B 162 -5.45 -9.62 -2.01
N MET B 163 -4.41 -10.41 -1.77
CA MET B 163 -4.61 -11.83 -1.56
C MET B 163 -4.42 -12.21 -0.12
N VAL B 164 -5.30 -13.05 0.39
CA VAL B 164 -5.25 -13.39 1.80
C VAL B 164 -5.33 -14.89 1.98
N ILE B 165 -4.76 -15.37 3.09
CA ILE B 165 -4.96 -16.73 3.60
C ILE B 165 -5.79 -16.59 4.85
N GLU B 166 -6.89 -17.35 4.91
CA GLU B 166 -7.72 -17.42 6.13
C GLU B 166 -8.07 -18.85 6.50
N LEU B 167 -8.39 -19.05 7.78
CA LEU B 167 -8.80 -20.35 8.34
C LEU B 167 -10.16 -20.80 7.83
N GLN B 168 -10.31 -22.12 7.70
CA GLN B 168 -11.62 -22.73 7.50
C GLN B 168 -12.60 -22.11 8.51
N SER B 169 -12.41 -22.46 9.78
CA SER B 169 -13.28 -21.98 10.85
C SER B 169 -13.75 -20.54 10.63
N HIS B 170 -12.81 -19.61 10.69
CA HIS B 170 -13.06 -18.16 10.54
C HIS B 170 -13.81 -17.73 9.26
N LYS B 171 -14.71 -16.73 9.37
CA LYS B 171 -15.56 -16.28 8.25
C LYS B 171 -15.78 -14.76 8.30
N GLU B 172 -15.32 -14.03 7.28
CA GLU B 172 -15.38 -12.55 7.29
C GLU B 172 -16.77 -11.93 7.56
N GLU B 173 -17.79 -12.51 6.97
CA GLU B 173 -19.13 -11.93 7.02
C GLU B 173 -19.73 -11.98 8.45
N GLU B 174 -19.27 -12.95 9.26
CA GLU B 174 -19.54 -12.94 10.71
C GLU B 174 -18.81 -11.76 11.36
N MET B 175 -17.64 -11.43 10.83
CA MET B 175 -16.81 -10.29 11.30
C MET B 175 -17.35 -8.87 10.98
N VAL B 176 -18.05 -8.73 9.86
CA VAL B 176 -18.76 -7.50 9.51
C VAL B 176 -19.75 -7.05 10.60
N ALA B 177 -20.35 -8.04 11.28
CA ALA B 177 -21.29 -7.79 12.38
C ALA B 177 -20.61 -7.07 13.56
N SER B 178 -19.41 -7.52 13.93
CA SER B 178 -18.70 -6.91 15.06
C SER B 178 -17.95 -5.60 14.70
N ALA B 179 -17.39 -5.54 13.50
CA ALA B 179 -16.86 -4.28 12.99
C ALA B 179 -17.90 -3.19 13.25
N LEU B 180 -19.13 -3.46 12.83
CA LEU B 180 -20.26 -2.56 13.04
C LEU B 180 -20.29 -1.99 14.45
N GLU B 181 -20.42 -2.88 15.44
CA GLU B 181 -20.53 -2.46 16.83
C GLU B 181 -19.37 -1.56 17.22
N THR B 182 -18.15 -2.06 17.01
CA THR B 182 -16.96 -1.32 17.38
C THR B 182 -16.96 0.08 16.71
N VAL B 183 -17.36 0.15 15.43
CA VAL B 183 -17.47 1.45 14.77
C VAL B 183 -18.42 2.31 15.58
N SER B 184 -19.61 1.76 15.82
CA SER B 184 -20.72 2.48 16.46
C SER B 184 -20.37 2.92 17.86
N GLU B 185 -19.64 2.06 18.56
CA GLU B 185 -19.20 2.34 19.92
C GLU B 185 -18.26 3.53 19.86
N LYS B 186 -17.57 3.68 18.73
CA LYS B 186 -16.58 4.73 18.62
C LYS B 186 -17.04 5.93 17.80
N GLY B 187 -18.19 5.81 17.14
CA GLY B 187 -18.78 6.95 16.45
C GLY B 187 -18.50 6.73 15.00
N SER B 188 -17.23 6.92 14.65
CA SER B 188 -16.69 6.53 13.35
C SER B 188 -15.22 6.20 13.53
N LEU B 189 -14.68 5.40 12.60
CA LEU B 189 -13.28 4.98 12.63
C LEU B 189 -12.72 4.93 11.26
N THR B 190 -11.44 5.29 11.16
CA THR B 190 -10.68 5.09 9.93
C THR B 190 -10.06 3.74 10.08
N SER B 191 -9.41 3.24 9.03
CA SER B 191 -8.76 1.95 9.11
C SER B 191 -7.61 1.87 10.14
N GLU B 192 -6.76 2.89 10.25
CA GLU B 192 -5.67 2.86 11.23
C GLU B 192 -6.25 2.88 12.64
N GLU B 193 -7.34 3.61 12.80
CA GLU B 193 -8.06 3.59 14.06
C GLU B 193 -8.58 2.19 14.34
N PHE B 194 -9.39 1.66 13.45
CA PHE B 194 -9.97 0.33 13.60
C PHE B 194 -8.89 -0.71 13.82
N ALA B 195 -7.74 -0.47 13.20
CA ALA B 195 -6.62 -1.40 13.24
C ALA B 195 -6.14 -1.60 14.66
N LYS B 196 -5.88 -0.49 15.34
CA LYS B 196 -5.45 -0.49 16.74
C LYS B 196 -6.48 -1.09 17.69
N LEU B 197 -7.76 -0.83 17.44
CA LEU B 197 -8.82 -1.33 18.34
C LEU B 197 -8.99 -2.83 18.24
N VAL B 198 -9.23 -3.36 17.05
CA VAL B 198 -9.25 -4.81 16.92
C VAL B 198 -7.84 -5.39 17.04
N GLY B 199 -6.83 -4.55 17.02
CA GLY B 199 -5.44 -5.00 16.94
C GLY B 199 -5.18 -5.91 15.73
N MET B 200 -5.43 -5.43 14.51
CA MET B 200 -5.04 -6.18 13.31
C MET B 200 -4.23 -5.37 12.32
N SER B 201 -3.94 -5.93 11.15
CA SER B 201 -3.11 -5.17 10.22
C SER B 201 -3.96 -4.16 9.47
N VAL B 202 -3.36 -3.01 9.19
CA VAL B 202 -4.05 -1.88 8.57
C VAL B 202 -4.65 -2.34 7.27
N LEU B 203 -3.89 -3.16 6.56
CA LEU B 203 -4.40 -3.66 5.30
C LEU B 203 -5.70 -4.46 5.47
N LEU B 204 -5.80 -5.31 6.49
CA LEU B 204 -7.03 -6.06 6.64
C LEU B 204 -8.17 -5.26 7.25
N ALA B 205 -7.86 -4.46 8.27
CA ALA B 205 -8.87 -3.58 8.84
C ALA B 205 -9.57 -2.84 7.69
N LYS B 206 -8.77 -2.35 6.77
CA LYS B 206 -9.29 -1.63 5.63
C LYS B 206 -10.26 -2.54 4.88
N GLU B 207 -9.81 -3.76 4.61
CA GLU B 207 -10.64 -4.66 3.83
C GLU B 207 -11.91 -5.02 4.58
N ARG B 208 -11.82 -5.14 5.90
CA ARG B 208 -13.00 -5.52 6.65
C ARG B 208 -13.98 -4.37 6.55
N LEU B 209 -13.52 -3.16 6.85
CA LEU B 209 -14.40 -2.01 6.76
C LEU B 209 -14.99 -1.90 5.35
N LEU B 210 -14.20 -2.30 4.34
CA LEU B 210 -14.66 -2.12 2.96
C LEU B 210 -15.74 -3.15 2.57
N LEU B 211 -15.57 -4.35 3.10
CA LEU B 211 -16.51 -5.44 2.96
C LEU B 211 -17.80 -5.03 3.62
N ALA B 212 -17.69 -4.49 4.85
CA ALA B 212 -18.85 -4.04 5.60
C ALA B 212 -19.59 -2.93 4.86
N GLU B 213 -18.85 -2.01 4.26
CA GLU B 213 -19.46 -0.99 3.42
C GLU B 213 -20.18 -1.65 2.25
N LYS B 214 -19.57 -2.71 1.70
CA LYS B 214 -20.14 -3.50 0.58
C LYS B 214 -21.52 -4.02 0.94
N MET B 215 -21.59 -4.79 2.02
CA MET B 215 -22.81 -5.46 2.48
C MET B 215 -23.87 -4.50 2.95
N GLY B 216 -23.45 -3.25 3.20
CA GLY B 216 -24.33 -2.14 3.56
C GLY B 216 -24.35 -1.73 5.03
N HIS B 217 -23.50 -2.31 5.86
CA HIS B 217 -23.46 -1.97 7.28
C HIS B 217 -22.70 -0.67 7.51
N LEU B 218 -21.84 -0.32 6.56
CA LEU B 218 -21.03 0.89 6.66
C LEU B 218 -21.23 1.86 5.49
N CYS B 219 -20.94 3.13 5.77
CA CYS B 219 -20.85 4.14 4.72
C CYS B 219 -19.57 4.94 4.94
N ARG B 220 -19.20 5.75 3.94
CA ARG B 220 -17.90 6.41 3.93
C ARG B 220 -17.87 7.94 4.01
N ASP B 221 -16.86 8.45 4.68
CA ASP B 221 -16.62 9.86 4.75
C ASP B 221 -15.21 10.07 4.25
N ASP B 222 -15.02 10.57 3.04
CA ASP B 222 -13.68 10.68 2.51
C ASP B 222 -13.21 12.14 2.54
N SER B 223 -11.99 12.43 2.93
CA SER B 223 -11.53 13.82 2.95
C SER B 223 -10.08 13.81 3.32
N VAL B 224 -9.47 14.99 3.42
CA VAL B 224 -8.07 15.01 3.82
C VAL B 224 -7.87 14.40 5.16
N GLU B 225 -8.90 14.47 6.01
CA GLU B 225 -8.70 13.99 7.33
C GLU B 225 -8.34 12.55 7.23
N GLY B 226 -8.79 11.91 6.15
CA GLY B 226 -8.67 10.47 5.97
C GLY B 226 -9.99 9.88 5.52
N LEU B 227 -10.02 8.57 5.34
CA LEU B 227 -11.22 7.87 4.87
C LEU B 227 -11.96 7.27 6.05
N ARG B 228 -12.85 8.04 6.68
CA ARG B 228 -13.63 7.53 7.82
C ARG B 228 -14.74 6.59 7.38
N PHE B 229 -14.99 5.53 8.14
CA PHE B 229 -16.23 4.77 7.95
C PHE B 229 -17.20 4.99 9.10
N TYR B 230 -18.43 5.36 8.76
CA TYR B 230 -19.49 5.58 9.73
C TYR B 230 -20.55 4.49 9.57
N PRO B 231 -21.34 4.26 10.63
CA PRO B 231 -22.42 3.29 10.48
C PRO B 231 -23.41 3.80 9.44
N ASN B 232 -23.99 2.89 8.64
CA ASN B 232 -24.76 3.31 7.49
C ASN B 232 -26.12 3.85 7.87
N LEU B 233 -26.22 5.13 8.20
CA LEU B 233 -27.48 5.66 8.73
C LEU B 233 -28.49 5.91 7.62
N PHE B 234 -28.04 5.98 6.38
CA PHE B 234 -28.94 6.13 5.23
C PHE B 234 -30.04 5.05 5.23
N MET B 235 -29.77 3.94 5.90
CA MET B 235 -30.72 2.84 6.01
C MET B 235 -31.59 2.85 7.28
N THR B 236 -31.29 3.76 8.21
CA THR B 236 -32.13 3.97 9.38
C THR B 236 -32.38 5.46 9.61
N GLN B 237 -33.65 5.84 9.67
CA GLN B 237 -34.10 7.24 9.80
C GLN B 237 -34.65 7.75 8.47
N SER B 238 -33.89 7.50 7.40
CA SER B 238 -34.28 7.86 6.00
C SER B 238 -34.71 9.32 5.83
N SER C 4 24.65 9.17 21.89
CA SER C 4 23.45 8.80 22.70
C SER C 4 22.14 9.45 22.18
N PHE C 5 21.84 10.69 22.58
CA PHE C 5 20.54 11.34 22.23
C PHE C 5 20.46 11.85 20.80
N GLU C 6 19.65 11.16 20.01
CA GLU C 6 19.51 11.44 18.59
C GLU C 6 18.33 12.38 18.34
N TRP C 7 18.45 13.29 17.38
CA TRP C 7 17.29 14.07 16.96
C TRP C 7 16.56 13.23 15.98
N PRO C 8 15.24 13.08 16.12
CA PRO C 8 14.60 12.12 15.21
C PRO C 8 14.47 12.72 13.79
N TRP C 9 14.29 11.86 12.80
CA TRP C 9 14.21 12.33 11.43
C TRP C 9 13.20 13.48 11.35
N GLN C 10 12.12 13.35 12.08
CA GLN C 10 11.02 14.29 12.03
C GLN C 10 11.44 15.74 12.33
N TYR C 11 12.32 15.87 13.33
CA TYR C 11 12.84 17.15 13.72
C TYR C 11 13.56 17.74 12.54
N ARG C 12 14.19 16.89 11.73
CA ARG C 12 14.90 17.39 10.57
C ARG C 12 13.90 17.68 9.44
N PHE C 13 12.60 17.45 9.65
CA PHE C 13 11.62 17.46 8.52
C PHE C 13 10.60 18.63 8.57
N PRO C 14 10.68 19.61 7.63
CA PRO C 14 9.89 20.84 7.80
C PRO C 14 8.43 20.68 8.25
N PRO C 15 7.63 19.81 7.61
CA PRO C 15 6.22 19.86 8.02
C PRO C 15 5.93 19.27 9.39
N PHE C 16 6.93 18.69 10.04
CA PHE C 16 6.75 18.18 11.39
C PHE C 16 6.34 19.35 12.29
N PHE C 17 6.55 20.58 11.77
CA PHE C 17 6.32 21.82 12.55
C PHE C 17 4.92 22.42 12.26
N THR C 18 4.04 21.59 11.71
CA THR C 18 2.71 21.98 11.32
C THR C 18 1.77 20.86 11.68
N LEU C 19 0.79 21.18 12.51
CA LEU C 19 -0.24 20.23 12.88
C LEU C 19 -0.80 19.72 11.56
N GLN C 20 -0.96 18.40 11.41
CA GLN C 20 -1.31 17.86 10.11
C GLN C 20 -2.82 17.67 9.88
N PRO C 21 -3.30 18.02 8.69
CA PRO C 21 -4.71 17.80 8.43
C PRO C 21 -5.11 16.34 8.38
N ASN C 22 -4.22 15.42 8.02
CA ASN C 22 -4.66 14.03 7.99
C ASN C 22 -4.63 13.50 9.39
N VAL C 23 -5.75 12.89 9.80
CA VAL C 23 -5.95 12.49 11.20
C VAL C 23 -4.97 11.40 11.60
N ASP C 24 -4.67 10.47 10.68
CA ASP C 24 -3.69 9.42 10.96
C ASP C 24 -2.24 9.94 11.10
N THR C 25 -1.82 10.74 10.13
CA THR C 25 -0.55 11.44 10.26
C THR C 25 -0.44 12.36 11.50
N ARG C 26 -1.52 13.06 11.83
CA ARG C 26 -1.49 13.93 12.98
C ARG C 26 -1.21 12.98 14.19
N GLN C 27 -1.87 11.80 14.27
CA GLN C 27 -1.63 10.93 15.45
C GLN C 27 -0.20 10.50 15.48
N LYS C 28 0.38 10.27 14.30
CA LYS C 28 1.78 9.86 14.19
C LYS C 28 2.71 11.00 14.57
N GLN C 29 2.49 12.19 14.02
CA GLN C 29 3.19 13.40 14.40
C GLN C 29 3.15 13.63 15.94
N LEU C 30 1.97 13.62 16.55
CA LEU C 30 1.89 14.03 17.94
C LEU C 30 2.64 13.04 18.79
N ALA C 31 2.44 11.75 18.46
CA ALA C 31 3.17 10.66 19.12
C ALA C 31 4.70 10.89 19.08
N ALA C 32 5.20 11.31 17.91
CA ALA C 32 6.64 11.59 17.84
C ALA C 32 6.94 12.79 18.75
N TRP C 33 6.05 13.78 18.70
CA TRP C 33 6.25 15.02 19.42
C TRP C 33 6.28 14.81 20.92
N CYS C 34 5.40 13.97 21.45
CA CYS C 34 5.47 13.47 22.86
C CYS C 34 6.78 12.82 23.20
N SER C 35 7.24 11.91 22.35
CA SER C 35 8.47 11.20 22.59
C SER C 35 9.63 12.15 22.62
N LEU C 36 9.65 13.08 21.68
CA LEU C 36 10.78 13.95 21.59
C LEU C 36 10.87 14.84 22.81
N VAL C 37 9.73 15.34 23.30
CA VAL C 37 9.83 16.27 24.43
C VAL C 37 10.29 15.53 25.66
N LEU C 38 9.79 14.30 25.82
CA LEU C 38 10.15 13.46 26.97
C LEU C 38 11.66 13.19 27.07
N SER C 39 12.25 12.76 25.97
CA SER C 39 13.66 12.42 25.99
C SER C 39 14.54 13.65 25.87
N PHE C 40 13.96 14.79 25.48
CA PHE C 40 14.72 16.04 25.45
C PHE C 40 14.97 16.53 26.89
N CYS C 41 13.94 16.37 27.71
CA CYS C 41 13.97 16.79 29.07
C CYS C 41 14.84 15.85 29.87
N ARG C 42 14.79 14.56 29.51
CA ARG C 42 15.64 13.55 30.18
C ARG C 42 17.09 13.87 29.95
N LEU C 43 17.43 14.14 28.69
CA LEU C 43 18.81 14.44 28.32
C LEU C 43 19.38 15.62 29.09
N HIS C 44 18.63 16.72 29.15
CA HIS C 44 19.11 17.93 29.79
C HIS C 44 18.63 17.98 31.23
N LYS C 45 18.29 16.82 31.78
CA LYS C 45 17.89 16.67 33.19
C LYS C 45 16.92 17.77 33.68
N GLN C 46 15.82 17.98 32.94
CA GLN C 46 14.82 19.00 33.27
C GLN C 46 13.43 18.46 33.55
N SER C 47 13.02 18.53 34.82
CA SER C 47 11.73 18.01 35.27
C SER C 47 10.60 19.03 35.22
N SER C 48 10.87 20.21 34.66
CA SER C 48 9.87 21.27 34.56
C SER C 48 10.45 22.43 33.80
N MET C 49 9.56 23.20 33.17
CA MET C 49 9.92 24.42 32.44
C MET C 49 8.64 25.14 32.06
N THR C 50 8.76 26.43 31.75
CA THR C 50 7.62 27.22 31.34
C THR C 50 7.45 27.11 29.84
N VAL C 51 6.24 27.42 29.37
CA VAL C 51 5.94 27.32 27.95
C VAL C 51 6.75 28.34 27.14
N MET C 52 6.93 29.53 27.71
CA MET C 52 7.69 30.62 27.08
C MET C 52 9.10 30.17 26.72
N GLU C 53 9.74 29.49 27.65
CA GLU C 53 11.05 28.93 27.38
C GLU C 53 10.92 27.79 26.39
N ALA C 54 9.95 26.90 26.63
CA ALA C 54 9.68 25.78 25.74
C ALA C 54 9.55 26.26 24.30
N GLN C 55 8.59 27.15 24.05
CA GLN C 55 8.42 27.82 22.74
C GLN C 55 9.76 28.19 22.08
N GLU C 56 10.70 28.73 22.87
CA GLU C 56 11.93 29.30 22.31
C GLU C 56 13.19 28.39 22.33
N SER C 57 13.13 27.29 23.09
CA SER C 57 14.25 26.36 23.20
C SER C 57 14.42 25.55 21.94
N PRO C 58 15.60 24.92 21.75
CA PRO C 58 15.77 24.05 20.58
C PRO C 58 14.67 22.98 20.42
N LEU C 59 14.00 22.60 21.49
CA LEU C 59 12.96 21.56 21.41
C LEU C 59 11.93 21.82 20.32
N PHE C 60 11.46 23.06 20.24
CA PHE C 60 10.39 23.43 19.32
C PHE C 60 10.83 24.43 18.29
N ASN C 61 12.07 24.87 18.36
CA ASN C 61 12.49 25.88 17.40
C ASN C 61 13.69 25.44 16.64
N ASN C 62 13.49 25.09 15.38
CA ASN C 62 14.63 24.74 14.60
C ASN C 62 15.09 25.89 13.77
N VAL C 63 16.04 26.59 14.34
CA VAL C 63 16.74 27.68 13.70
C VAL C 63 17.61 26.95 12.75
N LYS C 64 17.56 27.33 11.49
CA LYS C 64 18.37 26.66 10.46
C LYS C 64 17.55 25.77 9.60
N LEU C 65 16.53 25.13 10.16
CA LEU C 65 15.47 24.60 9.31
C LEU C 65 14.50 25.72 9.15
N GLN C 66 14.69 26.75 9.97
CA GLN C 66 13.82 27.88 9.99
C GLN C 66 12.37 27.45 10.10
N ARG C 67 12.05 26.64 11.10
CA ARG C 67 10.68 26.24 11.40
C ARG C 67 10.49 26.10 12.88
N LYS C 68 9.32 26.49 13.36
CA LYS C 68 9.03 26.33 14.78
C LYS C 68 7.60 25.85 15.01
N LEU C 69 7.42 25.10 16.09
CA LEU C 69 6.12 24.56 16.46
C LEU C 69 5.28 25.73 17.00
N PRO C 70 4.22 26.15 16.31
CA PRO C 70 3.48 27.31 16.79
C PRO C 70 2.83 27.05 18.12
N VAL C 71 2.83 28.07 18.97
CA VAL C 71 2.35 27.94 20.34
C VAL C 71 1.12 27.02 20.48
N GLU C 72 0.09 27.23 19.68
CA GLU C 72 -1.18 26.52 19.84
C GLU C 72 -0.96 25.03 19.83
N SER C 73 -0.28 24.58 18.76
CA SER C 73 0.19 23.20 18.56
C SER C 73 0.96 22.71 19.73
N ILE C 74 1.99 23.46 20.13
CA ILE C 74 2.75 23.07 21.29
C ILE C 74 1.87 22.85 22.51
N GLN C 75 0.76 23.60 22.58
CA GLN C 75 -0.28 23.34 23.58
C GLN C 75 -1.01 22.00 23.42
N ILE C 76 -1.31 21.61 22.19
CA ILE C 76 -1.83 20.26 21.91
C ILE C 76 -0.89 19.08 22.37
N VAL C 77 0.42 19.27 22.24
CA VAL C 77 1.32 18.18 22.57
C VAL C 77 1.38 18.09 24.05
N LEU C 78 1.69 19.21 24.68
CA LEU C 78 1.60 19.35 26.12
C LEU C 78 0.39 18.65 26.71
N GLU C 79 -0.77 18.90 26.13
CA GLU C 79 -2.00 18.29 26.56
C GLU C 79 -1.97 16.77 26.39
N GLU C 80 -1.46 16.27 25.25
CA GLU C 80 -1.31 14.83 25.04
C GLU C 80 -0.45 14.20 26.12
N LEU C 81 0.60 14.93 26.49
CA LEU C 81 1.54 14.48 27.49
C LEU C 81 0.86 14.47 28.84
N ARG C 82 0.04 15.48 29.09
CA ARG C 82 -0.76 15.47 30.28
C ARG C 82 -1.76 14.32 30.19
N LYS C 83 -2.33 14.11 29.00
CA LYS C 83 -3.38 13.10 28.85
C LYS C 83 -2.86 11.72 29.16
N LYS C 84 -1.56 11.54 29.01
CA LYS C 84 -0.93 10.24 29.12
C LYS C 84 -0.24 10.04 30.45
N GLY C 85 -0.22 11.08 31.27
CA GLY C 85 0.41 11.00 32.58
C GLY C 85 1.66 11.84 32.71
N ASN C 86 2.43 11.98 31.64
CA ASN C 86 3.77 12.55 31.73
C ASN C 86 3.89 14.04 32.06
N LEU C 87 2.77 14.69 32.36
CA LEU C 87 2.76 16.13 32.59
C LEU C 87 1.72 16.56 33.60
N GLU C 88 2.16 17.44 34.49
CA GLU C 88 1.33 18.06 35.48
C GLU C 88 1.59 19.56 35.33
N TRP C 89 0.53 20.29 34.97
CA TRP C 89 0.54 21.74 34.99
C TRP C 89 0.74 22.26 36.41
N LEU C 90 1.53 23.32 36.56
CA LEU C 90 1.79 23.92 37.89
C LEU C 90 0.95 25.20 38.13
N ASP C 91 -0.22 25.28 37.50
CA ASP C 91 -0.81 26.57 37.06
C ASP C 91 -2.26 26.47 36.63
N LYS C 92 -3.11 27.26 37.27
CA LYS C 92 -4.47 27.38 36.78
C LYS C 92 -4.48 27.97 35.34
N SER C 93 -3.42 28.69 34.99
CA SER C 93 -3.29 29.43 33.71
C SER C 93 -2.61 28.64 32.58
N LYS C 94 -2.18 27.41 32.89
CA LYS C 94 -1.40 26.55 31.98
C LYS C 94 -0.20 27.30 31.42
N SER C 95 0.64 27.80 32.32
CA SER C 95 1.74 28.70 31.95
C SER C 95 3.15 28.13 32.27
N SER C 96 3.22 27.22 33.23
CA SER C 96 4.43 26.53 33.55
C SER C 96 4.04 25.07 33.77
N PHE C 97 4.96 24.14 33.54
CA PHE C 97 4.62 22.70 33.67
C PHE C 97 5.72 21.80 34.22
N LEU C 98 5.29 20.75 34.89
CA LEU C 98 6.17 19.70 35.38
C LEU C 98 6.05 18.49 34.46
N ILE C 99 7.19 17.99 34.00
CA ILE C 99 7.20 16.76 33.21
C ILE C 99 7.83 15.62 33.99
N MET C 100 7.11 14.50 34.04
CA MET C 100 7.54 13.31 34.75
C MET C 100 7.81 12.17 33.75
N TRP C 101 8.60 11.19 34.18
CA TRP C 101 8.84 9.94 33.42
C TRP C 101 8.00 8.80 34.06
N ARG C 102 6.86 9.20 34.62
CA ARG C 102 5.89 8.35 35.32
C ARG C 102 4.57 9.10 35.56
N PHE D 5 -37.15 26.76 7.61
CA PHE D 5 -37.43 25.35 8.03
C PHE D 5 -36.14 24.51 8.04
N GLU D 6 -36.24 23.29 8.59
CA GLU D 6 -35.09 22.45 9.04
C GLU D 6 -34.01 22.13 8.01
N TRP D 7 -32.78 21.96 8.49
CA TRP D 7 -31.75 21.26 7.73
C TRP D 7 -32.02 19.79 7.95
N PRO D 8 -31.86 18.95 6.91
CA PRO D 8 -32.05 17.50 7.10
C PRO D 8 -30.83 16.90 7.80
N TRP D 9 -31.06 16.17 8.91
CA TRP D 9 -30.02 15.48 9.70
C TRP D 9 -28.93 14.84 8.83
N GLN D 10 -29.27 14.64 7.56
CA GLN D 10 -28.34 14.14 6.57
C GLN D 10 -27.30 15.19 6.24
N TYR D 11 -27.72 16.43 6.25
CA TYR D 11 -26.79 17.53 6.13
C TYR D 11 -25.80 17.62 7.30
N ARG D 12 -26.12 17.01 8.46
CA ARG D 12 -25.24 17.04 9.65
C ARG D 12 -24.42 15.72 9.81
N PHE D 13 -24.32 15.01 8.70
CA PHE D 13 -23.74 13.67 8.61
C PHE D 13 -22.68 13.64 7.49
N PRO D 14 -21.37 13.70 7.85
CA PRO D 14 -20.28 13.90 6.89
C PRO D 14 -20.28 12.98 5.66
N PRO D 15 -20.63 11.67 5.81
CA PRO D 15 -20.79 10.80 4.63
C PRO D 15 -21.73 11.36 3.57
N PHE D 16 -22.69 12.16 3.98
CA PHE D 16 -23.62 12.80 3.05
C PHE D 16 -22.86 13.58 1.97
N PHE D 17 -21.58 13.88 2.21
CA PHE D 17 -20.83 14.76 1.32
C PHE D 17 -19.84 14.03 0.45
N THR D 18 -19.87 12.72 0.59
CA THR D 18 -19.05 11.87 -0.22
C THR D 18 -20.02 10.96 -0.95
N LEU D 19 -19.91 10.95 -2.27
CA LEU D 19 -20.70 10.06 -3.12
C LEU D 19 -20.33 8.63 -2.77
N GLN D 20 -21.33 7.83 -2.39
CA GLN D 20 -21.13 6.50 -1.82
C GLN D 20 -21.17 5.41 -2.89
N PRO D 21 -20.13 4.54 -2.92
CA PRO D 21 -19.93 3.49 -3.93
C PRO D 21 -20.99 2.39 -3.90
N ASN D 22 -21.71 2.28 -2.78
CA ASN D 22 -22.73 1.26 -2.57
C ASN D 22 -24.03 1.63 -3.27
N VAL D 23 -24.60 0.65 -3.97
CA VAL D 23 -25.71 0.93 -4.87
C VAL D 23 -27.01 1.26 -4.11
N ASP D 24 -27.35 0.46 -3.10
CA ASP D 24 -28.50 0.76 -2.23
C ASP D 24 -28.29 2.17 -1.58
N THR D 25 -27.07 2.41 -1.12
CA THR D 25 -26.73 3.62 -0.36
C THR D 25 -26.81 4.90 -1.18
N ARG D 26 -26.13 4.90 -2.33
CA ARG D 26 -26.13 6.05 -3.23
C ARG D 26 -27.56 6.46 -3.60
N GLN D 27 -28.45 5.49 -3.79
CA GLN D 27 -29.83 5.82 -4.13
C GLN D 27 -30.46 6.62 -3.01
N LYS D 28 -30.47 6.05 -1.80
CA LYS D 28 -30.85 6.78 -0.59
C LYS D 28 -30.19 8.19 -0.55
N GLN D 29 -28.87 8.22 -0.67
CA GLN D 29 -28.13 9.49 -0.63
C GLN D 29 -28.70 10.50 -1.62
N LEU D 30 -28.86 10.07 -2.87
CA LEU D 30 -29.32 10.98 -3.92
C LEU D 30 -30.78 11.44 -3.77
N ALA D 31 -31.64 10.56 -3.27
CA ALA D 31 -33.04 10.91 -2.99
C ALA D 31 -33.10 12.10 -2.05
N ALA D 32 -32.31 12.04 -0.98
CA ALA D 32 -32.28 13.08 0.03
C ALA D 32 -31.56 14.32 -0.47
N TRP D 33 -30.43 14.13 -1.17
CA TRP D 33 -29.72 15.27 -1.76
C TRP D 33 -30.61 16.03 -2.71
N CYS D 34 -31.47 15.32 -3.44
CA CYS D 34 -32.34 15.95 -4.42
C CYS D 34 -33.53 16.66 -3.81
N SER D 35 -34.07 16.09 -2.74
CA SER D 35 -35.18 16.69 -2.07
C SER D 35 -34.74 17.89 -1.26
N LEU D 36 -33.48 17.90 -0.83
CA LEU D 36 -32.93 18.97 -0.01
C LEU D 36 -32.71 20.25 -0.81
N VAL D 37 -32.28 20.11 -2.05
CA VAL D 37 -32.21 21.26 -2.93
C VAL D 37 -33.65 21.76 -3.22
N LEU D 38 -34.60 20.83 -3.26
CA LEU D 38 -35.99 21.16 -3.51
C LEU D 38 -36.58 22.03 -2.40
N SER D 39 -36.08 21.89 -1.18
CA SER D 39 -36.60 22.72 -0.09
C SER D 39 -35.82 24.03 0.11
N PHE D 40 -34.70 24.16 -0.60
CA PHE D 40 -33.76 25.26 -0.35
C PHE D 40 -34.14 26.58 -1.02
N CYS D 41 -34.17 26.58 -2.34
CA CYS D 41 -34.50 27.76 -3.12
C CYS D 41 -35.91 28.20 -2.77
N ARG D 42 -36.47 27.51 -1.78
CA ARG D 42 -37.80 27.76 -1.24
C ARG D 42 -37.72 28.80 -0.11
N LEU D 43 -36.73 28.66 0.77
CA LEU D 43 -36.45 29.65 1.83
C LEU D 43 -35.87 30.93 1.25
N HIS D 44 -34.87 30.79 0.38
CA HIS D 44 -34.25 31.93 -0.33
C HIS D 44 -34.62 31.80 -1.80
N LYS D 45 -35.69 32.49 -2.17
CA LYS D 45 -36.31 32.34 -3.50
C LYS D 45 -35.46 32.93 -4.65
N GLN D 46 -34.36 32.24 -4.93
CA GLN D 46 -33.58 32.39 -6.16
C GLN D 46 -33.71 31.09 -6.94
N SER D 47 -33.71 31.20 -8.27
CA SER D 47 -33.89 30.05 -9.17
C SER D 47 -32.72 29.91 -10.13
N SER D 48 -32.09 31.05 -10.42
CA SER D 48 -30.99 31.13 -11.35
C SER D 48 -29.63 31.12 -10.64
N MET D 49 -28.87 30.03 -10.83
CA MET D 49 -27.44 29.99 -10.48
C MET D 49 -26.62 29.08 -11.39
N THR D 50 -25.30 29.02 -11.14
CA THR D 50 -24.39 28.15 -11.88
C THR D 50 -23.60 27.22 -10.92
N VAL D 51 -22.59 26.51 -11.47
CA VAL D 51 -21.81 25.50 -10.73
C VAL D 51 -21.16 26.07 -9.47
N MET D 52 -20.19 26.96 -9.71
CA MET D 52 -19.35 27.53 -8.68
C MET D 52 -20.10 28.40 -7.66
N GLU D 53 -21.26 28.92 -8.04
CA GLU D 53 -22.11 29.74 -7.15
C GLU D 53 -22.82 28.92 -6.06
N ALA D 54 -23.55 27.88 -6.49
CA ALA D 54 -24.25 26.97 -5.57
C ALA D 54 -23.26 26.27 -4.62
N GLN D 55 -21.99 26.51 -4.87
CA GLN D 55 -20.93 25.80 -4.20
C GLN D 55 -20.41 26.56 -2.99
N GLU D 56 -20.24 27.87 -3.13
CA GLU D 56 -19.94 28.70 -1.96
C GLU D 56 -21.05 28.38 -0.97
N SER D 57 -22.23 28.13 -1.55
CA SER D 57 -23.52 28.04 -0.87
C SER D 57 -23.68 26.89 0.12
N PRO D 58 -24.34 27.17 1.26
CA PRO D 58 -24.57 26.27 2.38
C PRO D 58 -25.12 24.92 1.96
N LEU D 59 -26.09 24.92 1.06
CA LEU D 59 -26.70 23.65 0.71
C LEU D 59 -25.67 22.64 0.16
N PHE D 60 -24.73 23.13 -0.65
CA PHE D 60 -23.64 22.28 -1.14
C PHE D 60 -22.30 22.49 -0.42
N ASN D 61 -22.25 23.39 0.56
CA ASN D 61 -21.03 23.57 1.33
C ASN D 61 -21.26 23.77 2.83
N ASN D 62 -20.77 22.83 3.62
CA ASN D 62 -20.94 22.90 5.05
C ASN D 62 -19.76 23.62 5.69
N VAL D 63 -19.54 24.87 5.28
CA VAL D 63 -18.28 25.59 5.53
C VAL D 63 -17.82 25.53 6.98
N LYS D 64 -18.34 26.46 7.76
CA LYS D 64 -18.05 26.51 9.18
C LYS D 64 -18.45 25.17 9.82
N LEU D 65 -18.33 24.07 9.07
CA LEU D 65 -18.48 22.74 9.67
C LEU D 65 -17.89 21.50 8.88
N GLN D 66 -16.69 21.69 8.29
CA GLN D 66 -15.93 20.63 7.60
C GLN D 66 -16.03 20.56 6.06
N ARG D 67 -16.96 19.77 5.53
CA ARG D 67 -16.86 19.34 4.13
C ARG D 67 -17.78 19.94 3.08
N LYS D 68 -17.50 19.55 1.84
CA LYS D 68 -18.11 20.15 0.67
C LYS D 68 -18.23 19.12 -0.44
N LEU D 69 -19.43 18.98 -0.95
CA LEU D 69 -19.69 18.01 -2.02
C LEU D 69 -18.83 18.29 -3.25
N PRO D 70 -17.99 17.31 -3.64
CA PRO D 70 -17.00 17.43 -4.74
C PRO D 70 -17.60 17.84 -6.06
N VAL D 71 -16.75 17.97 -7.08
CA VAL D 71 -17.20 18.53 -8.36
C VAL D 71 -18.22 17.63 -9.10
N GLU D 72 -17.73 16.54 -9.68
CA GLU D 72 -18.54 15.68 -10.52
C GLU D 72 -19.80 15.26 -9.80
N SER D 73 -19.69 15.25 -8.48
CA SER D 73 -20.72 14.70 -7.65
C SER D 73 -21.95 15.60 -7.58
N ILE D 74 -21.74 16.93 -7.52
CA ILE D 74 -22.84 17.91 -7.59
C ILE D 74 -23.53 17.84 -8.97
N GLN D 75 -22.76 17.52 -10.01
CA GLN D 75 -23.33 17.29 -11.34
C GLN D 75 -24.35 16.16 -11.23
N ILE D 76 -23.92 15.05 -10.65
CA ILE D 76 -24.77 13.88 -10.54
C ILE D 76 -26.10 14.28 -9.94
N VAL D 77 -26.06 15.04 -8.83
CA VAL D 77 -27.27 15.47 -8.13
C VAL D 77 -28.12 16.45 -8.95
N LEU D 78 -27.45 17.22 -9.80
CA LEU D 78 -28.14 18.14 -10.67
C LEU D 78 -28.85 17.38 -11.80
N GLU D 79 -28.17 16.37 -12.36
CA GLU D 79 -28.78 15.50 -13.37
C GLU D 79 -30.05 14.82 -12.83
N GLU D 80 -29.91 14.10 -11.72
CA GLU D 80 -31.05 13.48 -11.04
C GLU D 80 -32.26 14.40 -10.90
N LEU D 81 -32.02 15.71 -10.85
CA LEU D 81 -33.11 16.68 -10.65
C LEU D 81 -33.77 17.16 -11.95
N ARG D 82 -33.02 17.09 -13.05
CA ARG D 82 -33.50 17.44 -14.38
C ARG D 82 -34.25 16.26 -15.00
N LYS D 83 -33.76 15.04 -14.75
CA LYS D 83 -34.49 13.82 -15.11
C LYS D 83 -35.65 13.58 -14.12
N LYS D 84 -35.62 14.27 -12.99
CA LYS D 84 -36.78 14.35 -12.12
C LYS D 84 -37.76 15.31 -12.79
N GLY D 85 -37.21 16.35 -13.42
CA GLY D 85 -38.01 17.35 -14.09
C GLY D 85 -38.25 18.57 -13.24
N ASN D 86 -37.17 19.12 -12.68
CA ASN D 86 -37.25 20.40 -11.98
C ASN D 86 -36.16 21.40 -12.41
N LEU D 87 -35.23 20.92 -13.23
CA LEU D 87 -34.12 21.74 -13.69
C LEU D 87 -34.14 22.02 -15.20
N GLU D 88 -33.71 23.23 -15.55
CA GLU D 88 -33.44 23.63 -16.93
C GLU D 88 -32.01 24.23 -17.01
N TRP D 89 -31.58 24.63 -18.20
CA TRP D 89 -30.20 25.11 -18.42
C TRP D 89 -30.08 26.55 -18.93
N LEU D 90 -28.85 27.03 -19.07
CA LEU D 90 -28.56 28.33 -19.70
C LEU D 90 -27.56 28.20 -20.85
N ASP D 91 -26.46 27.49 -20.59
CA ASP D 91 -25.35 27.36 -21.54
C ASP D 91 -25.08 25.90 -21.90
N LYS D 92 -24.41 25.71 -23.04
CA LYS D 92 -24.12 24.36 -23.54
C LYS D 92 -22.64 23.92 -23.41
N SER D 93 -22.04 24.28 -22.27
CA SER D 93 -20.77 23.71 -21.84
C SER D 93 -21.06 22.87 -20.59
N LYS D 94 -21.79 23.49 -19.66
CA LYS D 94 -22.50 22.84 -18.56
C LYS D 94 -23.17 23.91 -17.66
N SER D 95 -22.51 24.27 -16.57
CA SER D 95 -22.86 25.45 -15.72
C SER D 95 -24.32 25.70 -15.28
N SER D 96 -24.90 26.84 -15.69
CA SER D 96 -26.10 27.44 -15.05
C SER D 96 -27.43 26.68 -15.22
N PHE D 97 -28.37 26.98 -14.32
CA PHE D 97 -29.62 26.21 -14.18
C PHE D 97 -30.78 26.94 -13.49
N LEU D 98 -31.96 26.30 -13.50
CA LEU D 98 -33.18 26.81 -12.88
C LEU D 98 -33.96 25.69 -12.18
N ILE D 99 -34.48 25.99 -10.99
CA ILE D 99 -35.27 25.04 -10.17
C ILE D 99 -36.77 25.41 -10.19
N MET D 100 -37.63 24.40 -10.33
CA MET D 100 -39.09 24.64 -10.34
C MET D 100 -39.85 24.12 -9.09
N TRP D 101 -41.16 24.35 -9.08
CA TRP D 101 -42.04 24.04 -7.93
C TRP D 101 -43.30 23.29 -8.34
#